data_1DBA
#
_entry.id   1DBA
#
_cell.length_a   134.760
_cell.length_b   134.760
_cell.length_c   124.210
_cell.angle_alpha   90.00
_cell.angle_beta   90.00
_cell.angle_gamma   120.00
#
_symmetry.space_group_name_H-M   'P 64 2 2'
#
loop_
_entity.id
_entity.type
_entity.pdbx_description
1 polymer 'IGG1-KAPPA DB3 FAB (LIGHT CHAIN)'
2 polymer 'IGG1-KAPPA DB3 FAB (HEAVY CHAIN)'
3 non-polymer ETHANOL
#
loop_
_entity_poly.entity_id
_entity_poly.type
_entity_poly.pdbx_seq_one_letter_code
_entity_poly.pdbx_strand_id
1 'polypeptide(L)'
;DVVMTQIPLSLPVNLGDQASISCRSSQSLIHSNGNTYLHWYLQKPGQSPKLLMYKVSNRFYGVPDRFSGSGSGTDFTLKI
SRVEAEDLGIYFCSQSSHVPPTFGGGTKLEIKRADAAPTVSIFPPSSEQLTSGGASVVCFLNNFYPKDINVKWKIDGSER
QNGVLNSWTDQDSKDSTYSMSSTLTLTKDEYERHNSYTCEATHKTSTSPIVKSFNR
;
L
2 'polypeptide(L)'
;QIQLVQSGPELKKPGETVKISCKASGYAFTNYGVNWVKEAPGKELKWMGWINIYTGEPTYVDDFKGRFAFSLETSASTAY
LEINNLKNEDTATYFCTRGDYVNWYFDVWGAGTTVTVSSAKTTPPSVYPLAPGSAAQTNSMVTLGCLVKGYFPEPVTVTW
NSGSLSSGVHTFPAVLQSDLYTLSSSVTVPSSPRPSETVTCNVAHPASSTKVDKKIVPR
;
H
#
# COMPACT_ATOMS: atom_id res chain seq x y z
N ASP A 1 5.52 5.83 25.09
CA ASP A 1 4.32 6.05 24.30
C ASP A 1 3.35 4.92 24.62
N VAL A 2 2.04 5.13 24.63
CA VAL A 2 1.06 4.11 24.95
C VAL A 2 0.98 3.24 23.72
N VAL A 3 1.70 2.14 23.58
CA VAL A 3 1.60 1.22 22.45
C VAL A 3 0.19 0.69 22.29
N MET A 4 -0.46 0.90 21.18
CA MET A 4 -1.79 0.35 20.98
C MET A 4 -1.62 -0.87 20.10
N THR A 5 -2.09 -2.12 20.31
CA THR A 5 -1.95 -3.17 19.32
C THR A 5 -3.32 -3.72 19.08
N GLN A 6 -3.62 -4.16 17.89
CA GLN A 6 -4.92 -4.69 17.53
C GLN A 6 -4.66 -5.83 16.59
N ILE A 7 -5.51 -6.80 16.77
CA ILE A 7 -5.34 -8.10 16.18
C ILE A 7 -6.79 -8.39 15.81
N PRO A 8 -7.08 -9.03 14.69
CA PRO A 8 -6.06 -9.56 13.79
C PRO A 8 -5.63 -8.62 12.67
N LEU A 9 -4.42 -8.71 12.08
CA LEU A 9 -4.12 -7.91 10.89
C LEU A 9 -5.20 -8.03 9.80
N SER A 10 -5.67 -9.18 9.38
CA SER A 10 -6.72 -9.27 8.40
C SER A 10 -7.93 -9.86 9.10
N LEU A 11 -9.13 -9.64 8.61
CA LEU A 11 -10.28 -10.31 9.17
C LEU A 11 -11.08 -10.59 7.93
N PRO A 12 -11.06 -11.84 7.47
CA PRO A 12 -11.92 -12.39 6.44
C PRO A 12 -13.32 -12.43 6.94
N VAL A 13 -14.24 -11.81 6.24
CA VAL A 13 -15.56 -11.65 6.74
C VAL A 13 -16.50 -12.03 5.61
N ASN A 14 -17.77 -12.34 5.80
CA ASN A 14 -18.68 -12.44 4.67
C ASN A 14 -19.51 -11.21 4.83
N LEU A 15 -19.78 -10.42 3.79
CA LEU A 15 -20.85 -9.41 3.87
C LEU A 15 -22.05 -10.17 4.45
N GLY A 16 -22.84 -9.67 5.38
CA GLY A 16 -23.92 -10.46 5.98
C GLY A 16 -23.60 -10.67 7.44
N ASP A 17 -22.35 -11.03 7.66
CA ASP A 17 -21.87 -11.31 8.98
C ASP A 17 -21.80 -10.16 9.96
N GLN A 18 -21.63 -10.50 11.23
CA GLN A 18 -21.15 -9.51 12.16
C GLN A 18 -19.64 -9.73 12.17
N ALA A 19 -18.86 -8.76 12.64
CA ALA A 19 -17.40 -8.88 12.76
C ALA A 19 -17.09 -8.15 14.05
N SER A 20 -15.84 -8.29 14.50
CA SER A 20 -15.41 -7.67 15.70
C SER A 20 -13.92 -7.55 15.63
N ILE A 21 -13.43 -6.31 15.54
CA ILE A 21 -11.99 -6.04 15.60
C ILE A 21 -11.79 -5.84 17.10
N SER A 22 -10.65 -6.14 17.68
CA SER A 22 -10.44 -5.95 19.11
C SER A 22 -9.20 -5.10 19.26
N CYS A 23 -8.97 -4.37 20.32
CA CYS A 23 -7.80 -3.52 20.40
C CYS A 23 -7.36 -3.41 21.86
N ARG A 24 -6.09 -3.07 22.16
CA ARG A 24 -5.64 -3.14 23.53
C ARG A 24 -4.60 -2.15 23.99
N SER A 25 -4.64 -1.70 25.24
CA SER A 25 -3.77 -0.62 25.62
C SER A 25 -2.65 -0.97 26.60
N SER A 26 -1.43 -0.48 26.35
CA SER A 26 -0.32 -0.73 27.25
C SER A 26 -0.66 -0.18 28.64
N GLN A 27 -0.87 1.14 28.80
CA GLN A 27 -1.31 1.74 30.04
C GLN A 27 -2.83 1.75 29.94
N SER A 28 -3.56 2.36 30.90
CA SER A 28 -5.01 2.41 30.80
C SER A 28 -5.38 3.75 30.17
N LEU A 29 -6.68 3.84 29.83
CA LEU A 29 -7.18 5.01 29.13
C LEU A 29 -8.27 5.70 29.94
N ILE A 30 -8.25 5.42 31.25
CA ILE A 30 -9.21 6.06 32.15
C ILE A 30 -8.46 7.30 32.57
N HIS A 31 -8.94 8.48 32.21
CA HIS A 31 -8.13 9.67 32.41
C HIS A 31 -8.39 10.21 33.80
N SER A 32 -7.43 10.98 34.32
CA SER A 32 -7.57 11.69 35.58
C SER A 32 -8.97 12.28 35.74
N ASN A 33 -9.64 12.81 34.71
CA ASN A 33 -11.03 13.33 34.86
C ASN A 33 -12.09 12.24 34.82
N GLY A 34 -11.64 11.02 35.02
CA GLY A 34 -12.45 9.83 34.97
C GLY A 34 -12.91 9.46 33.59
N ASN A 35 -12.21 9.89 32.52
CA ASN A 35 -12.75 9.70 31.16
C ASN A 35 -11.89 8.86 30.20
N THR A 36 -12.44 8.12 29.21
CA THR A 36 -11.61 7.28 28.34
C THR A 36 -11.56 7.77 26.91
N TYR A 37 -10.37 8.14 26.49
CA TYR A 37 -10.22 8.65 25.15
C TYR A 37 -9.71 7.59 24.21
N LEU A 38 -10.55 6.57 23.97
CA LEU A 38 -10.26 5.63 22.92
C LEU A 38 -11.19 5.93 21.78
N HIS A 39 -10.65 6.16 20.58
CA HIS A 39 -11.47 6.40 19.37
C HIS A 39 -11.11 5.39 18.24
N TRP A 40 -12.01 5.28 17.29
CA TRP A 40 -11.88 4.37 16.18
C TRP A 40 -11.89 5.02 14.80
N TYR A 41 -10.80 5.07 14.01
CA TYR A 41 -10.92 5.50 12.62
C TYR A 41 -11.09 4.36 11.61
N LEU A 42 -11.72 4.60 10.46
CA LEU A 42 -11.82 3.68 9.35
C LEU A 42 -11.19 4.43 8.20
N GLN A 43 -10.22 3.84 7.50
CA GLN A 43 -9.55 4.43 6.34
C GLN A 43 -9.75 3.58 5.08
N LYS A 44 -10.67 3.97 4.17
CA LYS A 44 -10.95 3.32 2.89
C LYS A 44 -9.83 3.46 1.90
N PRO A 45 -9.57 2.52 0.97
CA PRO A 45 -8.32 2.43 0.20
C PRO A 45 -8.12 3.73 -0.52
N GLY A 46 -6.87 4.18 -0.54
CA GLY A 46 -6.60 5.48 -1.14
C GLY A 46 -7.59 6.53 -0.63
N GLN A 47 -7.43 6.97 0.62
CA GLN A 47 -8.29 7.99 1.21
C GLN A 47 -7.70 8.36 2.55
N SER A 48 -8.33 9.22 3.31
CA SER A 48 -7.84 9.71 4.60
C SER A 48 -8.77 9.19 5.70
N PRO A 49 -8.33 8.94 6.95
CA PRO A 49 -9.20 8.46 8.01
C PRO A 49 -10.54 9.16 8.20
N LYS A 50 -11.56 8.46 8.68
CA LYS A 50 -12.82 9.10 8.97
C LYS A 50 -13.18 8.76 10.43
N LEU A 51 -13.61 9.63 11.36
CA LEU A 51 -13.85 9.22 12.73
C LEU A 51 -15.08 8.33 12.73
N LEU A 52 -15.03 7.20 13.42
CA LEU A 52 -16.20 6.36 13.60
C LEU A 52 -16.84 6.41 14.98
N MET A 53 -15.98 6.27 15.98
CA MET A 53 -16.38 6.04 17.34
C MET A 53 -15.50 6.88 18.22
N TYR A 54 -16.06 7.74 19.05
CA TYR A 54 -15.25 8.36 20.08
C TYR A 54 -15.70 7.99 21.49
N LYS A 55 -14.69 8.08 22.34
CA LYS A 55 -14.75 7.73 23.74
C LYS A 55 -15.47 6.41 23.96
N VAL A 56 -14.86 5.41 23.32
CA VAL A 56 -15.25 4.02 23.37
C VAL A 56 -16.58 3.70 22.75
N SER A 57 -17.67 4.39 22.99
CA SER A 57 -18.95 3.83 22.59
C SER A 57 -19.87 4.76 21.91
N ASN A 58 -19.39 5.99 21.68
CA ASN A 58 -20.25 7.01 21.08
C ASN A 58 -19.90 7.10 19.61
N ARG A 59 -20.93 6.74 18.82
CA ARG A 59 -20.85 6.77 17.37
C ARG A 59 -20.57 8.18 16.92
N PHE A 60 -20.39 8.42 15.63
CA PHE A 60 -20.15 9.78 15.22
C PHE A 60 -21.22 10.12 14.21
N TYR A 61 -21.42 11.40 14.00
CA TYR A 61 -22.44 11.86 13.11
C TYR A 61 -22.32 11.22 11.75
N GLY A 62 -23.42 10.62 11.40
CA GLY A 62 -23.60 9.97 10.15
C GLY A 62 -23.42 8.46 10.32
N VAL A 63 -22.29 8.00 10.94
CA VAL A 63 -21.94 6.59 10.95
C VAL A 63 -23.05 5.78 11.57
N PRO A 64 -23.38 4.66 10.89
CA PRO A 64 -24.65 4.00 11.08
C PRO A 64 -24.67 3.06 12.26
N ASP A 65 -25.90 2.64 12.50
CA ASP A 65 -26.27 1.82 13.63
C ASP A 65 -25.74 0.42 13.88
N ARG A 66 -24.84 -0.02 12.98
CA ARG A 66 -24.30 -1.36 13.10
C ARG A 66 -23.02 -1.27 13.93
N PHE A 67 -22.54 -0.05 14.24
CA PHE A 67 -21.22 0.08 14.82
C PHE A 67 -21.22 0.17 16.32
N SER A 68 -21.61 -0.88 17.02
CA SER A 68 -21.63 -0.94 18.47
C SER A 68 -20.17 -0.82 18.91
N GLY A 69 -19.91 -0.23 20.06
CA GLY A 69 -18.56 0.04 20.54
C GLY A 69 -18.50 -0.42 21.98
N SER A 70 -17.32 -0.69 22.52
CA SER A 70 -17.30 -1.41 23.77
C SER A 70 -15.90 -1.51 24.27
N GLY A 71 -15.78 -2.00 25.50
CA GLY A 71 -14.50 -2.39 26.11
C GLY A 71 -14.25 -1.59 27.38
N SER A 72 -13.11 -1.63 28.07
CA SER A 72 -12.80 -0.70 29.13
C SER A 72 -11.42 -0.86 29.74
N GLY A 73 -10.79 0.19 30.22
CA GLY A 73 -9.56 0.06 30.93
C GLY A 73 -8.42 -0.14 30.01
N THR A 74 -8.36 -1.37 29.53
CA THR A 74 -7.37 -1.74 28.54
C THR A 74 -7.80 -2.66 27.40
N ASP A 75 -9.03 -3.15 27.36
CA ASP A 75 -9.39 -3.90 26.20
C ASP A 75 -10.62 -3.33 25.61
N PHE A 76 -10.56 -2.75 24.42
CA PHE A 76 -11.76 -2.23 23.81
C PHE A 76 -12.05 -3.03 22.56
N THR A 77 -13.28 -3.10 22.09
CA THR A 77 -13.64 -3.95 20.97
C THR A 77 -14.61 -3.25 20.06
N LEU A 78 -14.53 -3.31 18.74
CA LEU A 78 -15.50 -2.65 17.88
C LEU A 78 -16.28 -3.75 17.22
N LYS A 79 -17.61 -3.65 17.14
CA LYS A 79 -18.26 -4.67 16.42
C LYS A 79 -19.21 -4.13 15.39
N ILE A 80 -18.89 -4.40 14.13
CA ILE A 80 -19.82 -4.11 13.05
C ILE A 80 -20.78 -5.31 13.15
N SER A 81 -22.06 -5.15 12.77
CA SER A 81 -23.08 -6.14 13.08
C SER A 81 -23.62 -6.94 11.89
N ARG A 82 -23.69 -6.33 10.71
CA ARG A 82 -24.08 -7.00 9.47
C ARG A 82 -23.17 -6.21 8.57
N VAL A 83 -22.04 -6.79 8.14
CA VAL A 83 -21.08 -6.07 7.35
C VAL A 83 -21.70 -5.70 6.00
N GLU A 84 -21.17 -4.73 5.25
CA GLU A 84 -21.71 -4.27 3.97
C GLU A 84 -20.58 -3.87 3.04
N ALA A 85 -20.72 -3.80 1.71
CA ALA A 85 -19.69 -3.30 0.79
C ALA A 85 -18.97 -2.02 1.27
N GLU A 86 -19.85 -1.08 1.69
CA GLU A 86 -19.61 0.24 2.27
C GLU A 86 -18.57 0.27 3.40
N ASP A 87 -18.58 -0.66 4.38
CA ASP A 87 -17.67 -0.54 5.51
C ASP A 87 -16.43 -1.43 5.43
N LEU A 88 -15.89 -1.67 4.26
CA LEU A 88 -14.70 -2.49 4.16
C LEU A 88 -13.52 -1.53 4.19
N GLY A 89 -12.37 -1.83 4.79
CA GLY A 89 -11.24 -0.92 4.84
C GLY A 89 -10.32 -1.26 6.00
N ILE A 90 -9.40 -0.38 6.40
CA ILE A 90 -8.47 -0.58 7.51
C ILE A 90 -9.11 0.07 8.73
N TYR A 91 -9.30 -0.60 9.89
CA TYR A 91 -9.83 0.01 11.09
C TYR A 91 -8.71 0.27 12.06
N PHE A 92 -8.50 1.55 12.39
CA PHE A 92 -7.48 2.00 13.32
C PHE A 92 -8.12 2.36 14.67
N CYS A 93 -7.54 1.99 15.81
CA CYS A 93 -8.04 2.35 17.13
C CYS A 93 -6.99 3.28 17.69
N SER A 94 -7.42 4.31 18.37
CA SER A 94 -6.51 5.38 18.70
C SER A 94 -6.69 5.82 20.13
N GLN A 95 -5.64 6.26 20.81
CA GLN A 95 -5.90 6.76 22.15
C GLN A 95 -5.51 8.22 22.33
N SER A 96 -6.39 9.05 22.87
CA SER A 96 -5.95 10.39 23.25
C SER A 96 -6.02 10.51 24.76
N SER A 97 -6.13 9.46 25.58
CA SER A 97 -6.13 9.67 27.02
C SER A 97 -4.79 10.13 27.54
N HIS A 98 -3.70 9.92 26.79
CA HIS A 98 -2.33 10.28 27.17
C HIS A 98 -1.64 11.03 26.06
N VAL A 99 -0.38 11.42 26.15
CA VAL A 99 0.17 12.27 25.11
C VAL A 99 1.64 11.91 24.95
N PRO A 100 2.07 11.48 23.75
CA PRO A 100 1.49 11.79 22.45
C PRO A 100 0.45 10.79 21.97
N PRO A 101 -0.77 11.19 21.54
CA PRO A 101 -1.85 10.24 21.21
C PRO A 101 -1.33 9.26 20.14
N THR A 102 -1.44 7.97 20.40
CA THR A 102 -0.86 7.03 19.48
C THR A 102 -1.96 6.21 18.81
N PHE A 103 -1.56 5.53 17.73
CA PHE A 103 -2.49 4.86 16.85
C PHE A 103 -2.23 3.39 16.82
N GLY A 104 -3.32 2.67 16.74
CA GLY A 104 -3.24 1.23 16.67
C GLY A 104 -2.80 0.84 15.28
N GLY A 105 -2.15 -0.30 15.18
CA GLY A 105 -1.69 -0.82 13.90
C GLY A 105 -2.76 -1.03 12.82
N GLY A 106 -4.08 -1.10 13.07
CA GLY A 106 -5.05 -1.31 12.01
C GLY A 106 -5.39 -2.77 11.81
N THR A 107 -6.54 -3.05 11.23
CA THR A 107 -7.04 -4.39 10.97
C THR A 107 -7.73 -4.25 9.62
N LYS A 108 -7.37 -4.99 8.55
CA LYS A 108 -8.05 -4.97 7.25
C LYS A 108 -9.34 -5.78 7.25
N LEU A 109 -10.48 -5.25 6.90
CA LEU A 109 -11.70 -6.05 6.76
C LEU A 109 -11.70 -6.63 5.33
N GLU A 110 -11.70 -7.95 5.09
CA GLU A 110 -11.59 -8.52 3.76
C GLU A 110 -12.68 -9.47 3.42
N ILE A 111 -12.96 -9.80 2.16
CA ILE A 111 -13.99 -10.79 1.88
C ILE A 111 -13.41 -12.21 1.93
N LYS A 112 -14.21 -13.09 2.54
CA LYS A 112 -14.01 -14.51 2.76
C LYS A 112 -14.22 -15.26 1.46
N ARG A 113 -13.24 -16.08 1.10
CA ARG A 113 -13.27 -16.77 -0.18
C ARG A 113 -13.04 -18.27 0.04
N ALA A 114 -13.73 -19.10 -0.77
CA ALA A 114 -13.40 -20.52 -0.90
C ALA A 114 -11.94 -20.56 -1.31
N ASP A 115 -11.09 -21.34 -0.63
CA ASP A 115 -9.70 -21.41 -1.03
C ASP A 115 -9.52 -21.65 -2.51
N ALA A 116 -8.36 -21.25 -3.04
CA ALA A 116 -8.09 -21.39 -4.45
C ALA A 116 -6.59 -21.58 -4.41
N ALA A 117 -6.03 -22.46 -5.26
CA ALA A 117 -4.59 -22.62 -5.26
C ALA A 117 -4.00 -21.69 -6.34
N PRO A 118 -2.75 -21.21 -6.25
CA PRO A 118 -2.15 -20.31 -7.24
C PRO A 118 -1.91 -20.89 -8.63
N THR A 119 -2.37 -20.29 -9.74
CA THR A 119 -1.96 -20.83 -11.02
C THR A 119 -0.63 -20.08 -11.21
N VAL A 120 0.48 -20.78 -11.07
CA VAL A 120 1.83 -20.21 -11.17
C VAL A 120 2.46 -20.31 -12.57
N SER A 121 3.29 -19.39 -13.06
CA SER A 121 3.92 -19.51 -14.36
C SER A 121 5.34 -18.97 -14.31
N ILE A 122 6.38 -19.66 -14.78
CA ILE A 122 7.71 -19.07 -14.77
C ILE A 122 8.08 -18.53 -16.17
N PHE A 123 8.83 -17.43 -16.25
CA PHE A 123 9.17 -16.77 -17.49
C PHE A 123 10.64 -16.50 -17.52
N PRO A 124 11.40 -16.93 -18.54
CA PRO A 124 12.83 -16.65 -18.64
C PRO A 124 13.26 -15.30 -19.21
N PRO A 125 14.51 -14.84 -18.91
CA PRO A 125 15.17 -13.66 -19.48
C PRO A 125 14.99 -13.46 -20.94
N SER A 126 14.30 -12.36 -21.25
CA SER A 126 14.04 -11.96 -22.61
C SER A 126 15.37 -11.67 -23.30
N SER A 127 15.36 -11.74 -24.61
CA SER A 127 16.54 -11.62 -25.45
C SER A 127 17.07 -10.22 -25.29
N GLU A 128 16.15 -9.28 -25.26
CA GLU A 128 16.53 -7.89 -25.30
C GLU A 128 17.23 -7.42 -24.03
N GLN A 129 16.73 -8.01 -22.95
CA GLN A 129 17.30 -7.80 -21.63
C GLN A 129 18.70 -8.39 -21.66
N LEU A 130 18.79 -9.68 -22.02
CA LEU A 130 20.07 -10.32 -22.20
C LEU A 130 21.00 -9.49 -23.09
N THR A 131 20.56 -8.81 -24.16
CA THR A 131 21.51 -8.10 -24.98
C THR A 131 21.99 -6.80 -24.37
N SER A 132 21.67 -6.57 -23.10
CA SER A 132 22.29 -5.50 -22.36
C SER A 132 22.76 -6.06 -21.03
N GLY A 133 22.65 -7.36 -20.83
CA GLY A 133 23.37 -8.00 -19.77
C GLY A 133 22.75 -8.03 -18.40
N GLY A 134 21.48 -8.33 -18.24
CA GLY A 134 20.87 -8.48 -16.92
C GLY A 134 19.84 -9.57 -17.11
N ALA A 135 19.52 -10.46 -16.19
CA ALA A 135 18.55 -11.46 -16.51
C ALA A 135 17.52 -11.60 -15.42
N SER A 136 16.39 -10.91 -15.49
CA SER A 136 15.34 -11.09 -14.52
C SER A 136 14.56 -12.36 -14.84
N VAL A 137 14.37 -13.33 -13.94
CA VAL A 137 13.44 -14.42 -14.21
C VAL A 137 12.18 -13.93 -13.51
N VAL A 138 10.94 -14.36 -13.80
CA VAL A 138 9.71 -13.79 -13.26
C VAL A 138 8.76 -14.94 -12.97
N CYS A 139 7.97 -14.97 -11.90
CA CYS A 139 7.04 -16.07 -11.64
C CYS A 139 5.77 -15.40 -11.19
N PHE A 140 4.63 -15.54 -11.85
CA PHE A 140 3.41 -14.89 -11.43
C PHE A 140 2.63 -15.94 -10.66
N LEU A 141 2.20 -15.70 -9.41
CA LEU A 141 1.41 -16.66 -8.67
C LEU A 141 0.04 -16.01 -8.74
N ASN A 142 -0.89 -16.41 -9.60
CA ASN A 142 -2.10 -15.67 -9.78
C ASN A 142 -3.29 -16.34 -9.20
N ASN A 143 -4.28 -15.48 -8.96
CA ASN A 143 -5.57 -15.78 -8.40
C ASN A 143 -5.62 -16.82 -7.27
N PHE A 144 -4.88 -16.66 -6.17
CA PHE A 144 -4.92 -17.62 -5.09
C PHE A 144 -5.65 -17.11 -3.85
N TYR A 145 -5.86 -17.91 -2.81
CA TYR A 145 -6.44 -17.46 -1.54
C TYR A 145 -6.13 -18.56 -0.53
N PRO A 146 -5.68 -18.36 0.72
CA PRO A 146 -5.33 -17.10 1.37
C PRO A 146 -4.10 -16.39 0.85
N LYS A 147 -3.93 -15.12 1.25
CA LYS A 147 -2.76 -14.32 0.96
C LYS A 147 -1.50 -14.97 1.46
N ASP A 148 -1.54 -15.99 2.32
CA ASP A 148 -0.29 -16.50 2.81
C ASP A 148 0.26 -17.38 1.72
N ILE A 149 1.52 -17.22 1.28
CA ILE A 149 2.06 -18.08 0.24
C ILE A 149 3.56 -17.93 0.34
N ASN A 150 4.33 -18.97 0.00
CA ASN A 150 5.78 -18.93 0.25
C ASN A 150 6.50 -19.29 -1.03
N VAL A 151 6.95 -18.32 -1.83
CA VAL A 151 7.68 -18.68 -3.04
C VAL A 151 9.16 -18.72 -2.74
N LYS A 152 9.83 -19.83 -3.08
CA LYS A 152 11.28 -19.89 -2.96
C LYS A 152 11.79 -20.00 -4.39
N TRP A 153 13.10 -19.74 -4.55
CA TRP A 153 13.76 -19.88 -5.82
C TRP A 153 14.78 -20.98 -5.64
N LYS A 154 14.44 -22.14 -6.20
CA LYS A 154 15.41 -23.25 -6.31
C LYS A 154 16.16 -22.89 -7.60
N ILE A 155 17.46 -22.60 -7.54
CA ILE A 155 18.05 -21.98 -8.71
C ILE A 155 18.99 -22.89 -9.46
N ASP A 156 19.66 -23.91 -8.91
CA ASP A 156 20.12 -24.97 -9.81
C ASP A 156 20.08 -26.09 -8.84
N GLY A 157 18.92 -26.61 -8.47
CA GLY A 157 18.96 -27.44 -7.26
C GLY A 157 19.16 -26.43 -6.11
N SER A 158 20.35 -26.22 -5.54
CA SER A 158 20.58 -25.29 -4.41
C SER A 158 19.92 -23.90 -4.43
N GLU A 159 19.03 -23.66 -3.47
CA GLU A 159 18.24 -22.43 -3.30
C GLU A 159 19.05 -21.14 -3.20
N ARG A 160 18.38 -20.01 -3.51
CA ARG A 160 18.92 -18.65 -3.55
C ARG A 160 17.95 -17.67 -2.94
N GLN A 161 18.52 -16.63 -2.34
CA GLN A 161 17.75 -15.66 -1.61
C GLN A 161 18.05 -14.21 -1.94
N ASN A 162 18.98 -13.93 -2.86
CA ASN A 162 19.29 -12.53 -3.10
C ASN A 162 18.69 -12.10 -4.43
N GLY A 163 18.15 -10.90 -4.53
CA GLY A 163 17.66 -10.46 -5.81
C GLY A 163 16.18 -10.76 -5.97
N VAL A 164 15.61 -11.57 -5.08
CA VAL A 164 14.19 -11.75 -5.15
C VAL A 164 13.63 -10.44 -4.67
N LEU A 165 12.56 -10.02 -5.39
CA LEU A 165 11.83 -8.78 -5.21
C LEU A 165 10.32 -9.09 -5.32
N ASN A 166 9.54 -9.32 -4.26
CA ASN A 166 8.16 -9.73 -4.42
C ASN A 166 7.26 -8.55 -4.44
N SER A 167 6.11 -8.60 -5.08
CA SER A 167 5.14 -7.52 -5.12
C SER A 167 3.86 -8.28 -5.10
N TRP A 168 2.78 -7.64 -4.73
CA TRP A 168 1.59 -8.29 -4.25
C TRP A 168 0.32 -7.56 -4.60
N THR A 169 -0.72 -8.10 -5.16
CA THR A 169 -1.87 -7.31 -5.49
C THR A 169 -2.76 -7.27 -4.30
N ASP A 170 -3.60 -6.27 -4.12
CA ASP A 170 -4.51 -6.36 -2.99
C ASP A 170 -5.69 -7.20 -3.47
N GLN A 171 -6.70 -7.44 -2.65
CA GLN A 171 -7.78 -8.34 -3.02
C GLN A 171 -8.44 -7.87 -4.28
N ASP A 172 -8.51 -8.75 -5.29
CA ASP A 172 -9.22 -8.47 -6.52
C ASP A 172 -10.71 -8.43 -6.25
N SER A 173 -11.32 -7.34 -6.57
CA SER A 173 -12.70 -7.08 -6.26
C SER A 173 -13.68 -7.93 -7.04
N LYS A 174 -13.23 -8.62 -8.08
CA LYS A 174 -14.17 -9.46 -8.83
C LYS A 174 -14.17 -10.85 -8.22
N ASP A 175 -13.04 -11.39 -7.78
CA ASP A 175 -13.05 -12.78 -7.43
C ASP A 175 -12.31 -13.04 -6.14
N SER A 176 -12.21 -11.96 -5.37
CA SER A 176 -11.66 -11.92 -4.03
C SER A 176 -10.38 -12.69 -3.79
N THR A 177 -9.56 -12.98 -4.81
CA THR A 177 -8.34 -13.74 -4.62
C THR A 177 -7.23 -12.74 -4.51
N TYR A 178 -6.02 -13.15 -4.23
CA TYR A 178 -4.85 -12.26 -4.28
C TYR A 178 -3.95 -12.78 -5.38
N SER A 179 -3.03 -12.00 -5.91
CA SER A 179 -2.05 -12.52 -6.87
C SER A 179 -0.71 -11.93 -6.51
N MET A 180 0.39 -12.68 -6.57
CA MET A 180 1.69 -12.13 -6.22
C MET A 180 2.63 -12.34 -7.40
N SER A 181 3.82 -11.72 -7.48
CA SER A 181 4.69 -11.90 -8.60
C SER A 181 6.09 -11.77 -8.04
N SER A 182 7.01 -12.68 -8.37
CA SER A 182 8.37 -12.66 -7.88
C SER A 182 9.36 -12.56 -9.05
N THR A 183 10.25 -11.58 -9.04
CA THR A 183 11.27 -11.37 -10.05
C THR A 183 12.61 -11.59 -9.33
N LEU A 184 13.39 -12.57 -9.80
CA LEU A 184 14.72 -12.85 -9.28
C LEU A 184 15.64 -12.24 -10.32
N THR A 185 16.41 -11.19 -9.99
CA THR A 185 17.32 -10.56 -10.93
C THR A 185 18.66 -11.24 -11.01
N LEU A 186 19.35 -11.17 -12.17
CA LEU A 186 20.64 -11.83 -12.33
C LEU A 186 21.57 -11.03 -13.19
N THR A 187 22.89 -11.24 -13.09
CA THR A 187 23.79 -10.60 -14.05
C THR A 187 23.63 -11.51 -15.28
N LYS A 188 23.60 -11.03 -16.57
CA LYS A 188 23.45 -11.96 -17.71
C LYS A 188 24.46 -13.08 -17.54
N ASP A 189 25.73 -12.69 -17.33
CA ASP A 189 26.76 -13.66 -17.11
C ASP A 189 26.31 -14.76 -16.14
N GLU A 190 25.87 -14.37 -14.94
CA GLU A 190 25.58 -15.40 -13.96
C GLU A 190 24.58 -16.38 -14.52
N TYR A 191 23.57 -15.79 -15.16
CA TYR A 191 22.48 -16.56 -15.74
C TYR A 191 23.05 -17.60 -16.69
N GLU A 192 23.89 -17.07 -17.60
CA GLU A 192 24.51 -17.83 -18.66
C GLU A 192 25.02 -19.14 -18.09
N ARG A 193 25.56 -19.11 -16.86
CA ARG A 193 26.16 -20.29 -16.31
C ARG A 193 25.40 -21.02 -15.22
N HIS A 194 24.08 -21.29 -15.37
CA HIS A 194 23.37 -22.21 -14.50
C HIS A 194 22.16 -22.77 -15.23
N ASN A 195 21.86 -24.09 -15.13
CA ASN A 195 20.74 -24.74 -15.84
C ASN A 195 19.31 -24.76 -15.31
N SER A 196 19.01 -25.41 -14.19
CA SER A 196 17.60 -25.50 -13.86
C SER A 196 17.25 -24.14 -13.26
N TYR A 197 16.00 -23.65 -13.31
CA TYR A 197 15.59 -22.43 -12.65
C TYR A 197 14.15 -22.73 -12.24
N THR A 198 13.98 -22.82 -10.94
CA THR A 198 12.68 -23.18 -10.41
C THR A 198 12.11 -22.23 -9.34
N CYS A 199 11.01 -21.61 -9.78
CA CYS A 199 10.16 -20.76 -8.96
C CYS A 199 9.36 -21.81 -8.22
N GLU A 200 9.00 -21.67 -6.92
CA GLU A 200 8.18 -22.69 -6.18
C GLU A 200 7.37 -22.14 -5.00
N ALA A 201 6.16 -22.65 -4.83
CA ALA A 201 5.22 -22.04 -3.93
C ALA A 201 4.63 -22.93 -2.86
N THR A 202 4.88 -22.60 -1.62
CA THR A 202 4.36 -23.39 -0.53
C THR A 202 3.03 -22.72 -0.26
N HIS A 203 1.85 -23.35 -0.43
CA HIS A 203 0.60 -22.68 -0.07
C HIS A 203 -0.49 -23.66 0.31
N LYS A 204 -1.23 -23.51 1.36
CA LYS A 204 -2.21 -24.46 1.86
C LYS A 204 -2.80 -25.58 0.98
N THR A 205 -3.42 -25.10 -0.09
CA THR A 205 -4.15 -25.97 -1.01
C THR A 205 -3.42 -27.18 -1.62
N SER A 206 -2.16 -27.40 -1.31
CA SER A 206 -1.45 -28.58 -1.73
C SER A 206 -0.52 -28.80 -0.53
N THR A 207 -0.45 -30.08 -0.06
CA THR A 207 0.55 -30.44 0.95
C THR A 207 1.84 -30.57 0.13
N SER A 208 1.78 -30.86 -1.17
CA SER A 208 2.99 -30.73 -1.99
C SER A 208 3.23 -29.20 -2.21
N PRO A 209 4.39 -28.59 -2.30
CA PRO A 209 4.51 -27.29 -2.96
C PRO A 209 4.10 -27.38 -4.45
N ILE A 210 3.73 -26.22 -5.06
CA ILE A 210 3.47 -26.12 -6.49
C ILE A 210 4.81 -25.72 -7.10
N VAL A 211 5.37 -26.45 -8.09
CA VAL A 211 6.65 -26.12 -8.71
C VAL A 211 6.54 -26.01 -10.23
N LYS A 212 7.11 -24.96 -10.80
CA LYS A 212 7.14 -24.78 -12.23
C LYS A 212 8.59 -24.44 -12.49
N SER A 213 9.05 -24.79 -13.68
CA SER A 213 10.47 -24.62 -13.97
C SER A 213 10.68 -24.65 -15.46
N PHE A 214 11.88 -24.21 -15.79
CA PHE A 214 12.36 -24.26 -17.15
C PHE A 214 13.82 -24.59 -16.95
N ASN A 215 14.41 -25.49 -17.74
CA ASN A 215 15.85 -25.72 -17.69
C ASN A 215 16.44 -24.71 -18.67
N ARG A 216 17.63 -24.23 -18.38
CA ARG A 216 18.28 -23.13 -19.08
C ARG A 216 18.76 -23.61 -20.43
N GLN B 1 -19.26 21.59 2.95
CA GLN B 1 -17.88 21.39 2.65
C GLN B 1 -17.11 22.36 3.55
N ILE B 2 -16.94 21.88 4.82
CA ILE B 2 -16.07 22.42 5.86
C ILE B 2 -14.93 21.42 5.75
N GLN B 3 -13.71 21.90 5.48
CA GLN B 3 -12.60 20.99 5.18
C GLN B 3 -11.25 21.64 5.27
N LEU B 4 -10.25 20.81 5.47
CA LEU B 4 -8.88 21.23 5.53
C LEU B 4 -8.35 20.88 4.14
N VAL B 5 -7.74 21.79 3.41
CA VAL B 5 -7.25 21.44 2.11
C VAL B 5 -5.74 21.61 2.11
N GLN B 6 -5.05 20.56 1.64
CA GLN B 6 -3.60 20.44 1.59
C GLN B 6 -2.98 20.41 0.20
N SER B 7 -1.75 20.83 0.12
CA SER B 7 -0.96 20.94 -1.11
C SER B 7 -0.72 19.63 -1.82
N GLY B 8 -0.23 19.74 -3.06
CA GLY B 8 -0.04 18.57 -3.88
C GLY B 8 1.22 17.88 -3.47
N PRO B 9 1.60 16.79 -4.11
CA PRO B 9 2.77 16.03 -3.72
C PRO B 9 4.02 16.71 -4.23
N GLU B 10 5.11 16.64 -3.45
CA GLU B 10 6.40 17.21 -3.84
C GLU B 10 7.36 16.11 -4.20
N LEU B 11 8.44 16.42 -4.91
CA LEU B 11 9.45 15.42 -5.14
C LEU B 11 10.80 16.10 -4.88
N LYS B 12 11.51 15.71 -3.83
CA LYS B 12 12.69 16.46 -3.49
C LYS B 12 13.84 15.48 -3.40
N LYS B 13 15.02 16.11 -3.38
CA LYS B 13 16.31 15.41 -3.32
C LYS B 13 16.74 15.42 -1.86
N PRO B 14 17.40 14.41 -1.29
CA PRO B 14 17.82 14.38 0.12
C PRO B 14 18.52 15.67 0.33
N GLY B 15 18.06 16.57 1.17
CA GLY B 15 18.82 17.79 1.37
C GLY B 15 18.02 19.07 1.09
N GLU B 16 16.95 19.09 0.32
CA GLU B 16 16.23 20.34 0.22
C GLU B 16 15.14 20.41 1.27
N THR B 17 14.14 21.31 1.20
CA THR B 17 13.22 21.48 2.30
C THR B 17 11.83 21.58 1.73
N VAL B 18 10.76 21.35 2.49
CA VAL B 18 9.39 21.50 2.01
C VAL B 18 8.52 22.25 2.98
N LYS B 19 7.62 23.11 2.46
CA LYS B 19 6.68 23.77 3.32
C LYS B 19 5.35 23.24 2.79
N ILE B 20 4.64 22.43 3.57
CA ILE B 20 3.39 21.78 3.18
C ILE B 20 2.30 22.69 3.68
N SER B 21 1.18 22.95 3.01
CA SER B 21 0.25 23.90 3.54
C SER B 21 -1.09 23.25 3.90
N CYS B 22 -2.01 23.90 4.62
CA CYS B 22 -3.23 23.27 5.08
C CYS B 22 -4.15 24.44 5.35
N LYS B 23 -5.03 24.79 4.40
CA LYS B 23 -5.89 25.93 4.58
C LYS B 23 -7.23 25.34 4.95
N ALA B 24 -7.79 25.92 6.00
CA ALA B 24 -9.03 25.46 6.61
C ALA B 24 -10.08 26.42 6.18
N SER B 25 -11.21 25.88 5.72
CA SER B 25 -12.32 26.74 5.49
C SER B 25 -13.58 26.07 5.96
N GLY B 26 -14.39 26.97 6.48
CA GLY B 26 -15.75 26.66 6.87
C GLY B 26 -16.01 26.66 8.35
N TYR B 27 -14.93 26.76 9.12
CA TYR B 27 -15.05 26.71 10.56
C TYR B 27 -14.15 27.72 11.23
N ALA B 28 -14.39 28.00 12.50
CA ALA B 28 -13.61 28.94 13.25
C ALA B 28 -12.29 28.33 13.60
N PHE B 29 -11.38 28.72 12.73
CA PHE B 29 -10.02 28.18 12.71
C PHE B 29 -9.36 28.10 14.07
N THR B 30 -9.65 29.11 14.88
CA THR B 30 -8.90 29.30 16.11
C THR B 30 -9.53 28.54 17.30
N ASN B 31 -10.66 27.91 17.04
CA ASN B 31 -11.43 27.16 18.01
C ASN B 31 -11.13 25.65 18.13
N TYR B 32 -10.12 25.21 17.38
CA TYR B 32 -9.73 23.85 17.17
C TYR B 32 -8.22 23.88 17.07
N GLY B 33 -7.56 22.78 17.39
CA GLY B 33 -6.15 22.71 17.17
C GLY B 33 -5.86 22.17 15.79
N VAL B 34 -4.71 22.44 15.22
CA VAL B 34 -4.34 21.75 14.02
C VAL B 34 -3.28 20.74 14.47
N ASN B 35 -3.47 19.47 14.18
CA ASN B 35 -2.50 18.41 14.50
C ASN B 35 -1.83 17.91 13.22
N TRP B 36 -0.63 17.38 13.27
CA TRP B 36 0.04 16.83 12.09
C TRP B 36 0.29 15.33 12.28
N VAL B 37 -0.11 14.46 11.34
CA VAL B 37 0.00 13.02 11.48
C VAL B 37 0.83 12.55 10.28
N LYS B 38 1.80 11.61 10.44
CA LYS B 38 2.73 11.10 9.41
C LYS B 38 2.48 9.65 9.06
N GLU B 39 2.06 9.26 7.85
CA GLU B 39 1.81 7.87 7.49
C GLU B 39 3.02 7.35 6.72
N ALA B 40 3.94 6.58 7.28
CA ALA B 40 5.07 6.06 6.50
C ALA B 40 4.72 4.69 5.89
N PRO B 41 5.26 4.21 4.75
CA PRO B 41 4.97 2.87 4.23
C PRO B 41 5.09 1.82 5.34
N GLY B 42 3.96 1.16 5.59
CA GLY B 42 3.94 0.05 6.49
C GLY B 42 4.64 0.27 7.82
N LYS B 43 4.55 1.53 8.29
CA LYS B 43 4.92 1.87 9.67
C LYS B 43 3.65 2.48 10.32
N GLU B 44 3.59 2.46 11.64
CA GLU B 44 2.42 3.00 12.33
C GLU B 44 1.97 4.37 11.80
N LEU B 45 0.69 4.69 12.01
CA LEU B 45 0.24 6.06 11.77
C LEU B 45 0.94 6.75 12.94
N LYS B 46 1.84 7.69 12.66
CA LYS B 46 2.72 8.28 13.62
C LYS B 46 2.42 9.74 13.85
N TRP B 47 1.85 10.13 14.99
CA TRP B 47 1.53 11.51 15.35
C TRP B 47 2.76 12.39 15.38
N MET B 48 2.76 13.60 14.85
CA MET B 48 3.98 14.35 14.82
C MET B 48 4.05 15.42 15.88
N GLY B 49 3.08 16.31 15.90
CA GLY B 49 3.04 17.38 16.84
C GLY B 49 1.80 18.18 16.58
N TRP B 50 1.48 19.19 17.39
CA TRP B 50 0.21 19.92 17.32
C TRP B 50 0.50 21.39 17.50
N ILE B 51 -0.27 22.26 16.88
CA ILE B 51 -0.12 23.70 17.03
C ILE B 51 -1.42 24.35 17.53
N ASN B 52 -1.27 25.15 18.57
CA ASN B 52 -2.44 25.84 19.13
C ASN B 52 -2.68 27.18 18.47
N ILE B 53 -3.83 27.35 17.81
CA ILE B 53 -4.08 28.60 17.09
C ILE B 53 -4.28 29.77 18.05
N TYR B 54 -4.79 29.54 19.26
CA TYR B 54 -4.94 30.62 20.22
C TYR B 54 -3.56 31.17 20.60
N THR B 55 -2.79 30.52 21.46
CA THR B 55 -1.45 31.01 21.72
C THR B 55 -0.60 31.25 20.47
N GLY B 56 -0.56 30.24 19.57
CA GLY B 56 0.39 30.14 18.47
C GLY B 56 1.52 29.14 18.87
N GLU B 57 1.40 28.29 19.90
CA GLU B 57 2.55 27.53 20.30
C GLU B 57 2.41 26.10 19.79
N PRO B 58 3.46 25.50 19.17
CA PRO B 58 3.45 24.13 18.65
C PRO B 58 3.91 23.25 19.77
N THR B 59 3.73 21.93 19.72
CA THR B 59 4.40 20.98 20.62
C THR B 59 4.79 19.90 19.64
N TYR B 60 6.01 19.45 19.79
CA TYR B 60 6.50 18.43 18.90
C TYR B 60 6.71 17.19 19.73
N VAL B 61 6.21 16.04 19.22
CA VAL B 61 6.57 14.78 19.80
C VAL B 61 8.04 14.82 19.50
N ASP B 62 8.72 14.46 20.58
CA ASP B 62 10.19 14.44 20.68
C ASP B 62 10.87 14.23 19.31
N ASP B 63 10.31 13.16 18.70
CA ASP B 63 10.85 12.58 17.47
C ASP B 63 11.10 13.57 16.38
N PHE B 64 10.05 14.40 16.12
CA PHE B 64 10.16 15.28 14.98
C PHE B 64 10.82 16.64 15.28
N LYS B 65 11.61 16.82 16.34
CA LYS B 65 12.24 18.14 16.58
C LYS B 65 13.43 18.36 15.68
N GLY B 66 14.17 19.45 15.79
CA GLY B 66 15.38 19.56 14.99
C GLY B 66 14.90 20.09 13.64
N ARG B 67 14.54 19.20 12.73
CA ARG B 67 14.17 19.60 11.37
C ARG B 67 12.71 19.91 11.12
N PHE B 68 11.67 19.46 11.85
CA PHE B 68 10.28 19.71 11.45
C PHE B 68 9.71 20.96 12.12
N ALA B 69 9.03 21.88 11.43
CA ALA B 69 8.71 23.18 11.98
C ALA B 69 7.27 23.54 11.67
N PHE B 70 6.39 23.53 12.66
CA PHE B 70 5.03 23.94 12.40
C PHE B 70 4.95 25.45 12.41
N SER B 71 4.06 26.06 11.64
CA SER B 71 3.86 27.49 11.67
C SER B 71 2.47 27.81 11.22
N LEU B 72 2.10 29.05 10.94
CA LEU B 72 0.70 29.43 10.86
C LEU B 72 0.58 30.77 10.17
N GLU B 73 -0.29 31.03 9.20
CA GLU B 73 -0.48 32.37 8.65
C GLU B 73 -1.92 32.67 9.04
N THR B 74 -2.25 32.78 10.36
CA THR B 74 -3.65 32.90 10.82
C THR B 74 -4.47 34.00 10.17
N SER B 75 -3.88 35.12 9.86
CA SER B 75 -4.44 36.15 8.99
C SER B 75 -5.09 35.48 7.75
N ALA B 76 -4.36 34.56 7.13
CA ALA B 76 -4.91 33.85 6.00
C ALA B 76 -5.41 32.45 6.37
N SER B 77 -5.35 32.06 7.64
CA SER B 77 -6.04 30.85 8.07
C SER B 77 -5.51 29.56 7.41
N THR B 78 -4.17 29.40 7.51
CA THR B 78 -3.49 28.29 6.87
C THR B 78 -2.34 27.86 7.76
N ALA B 79 -2.36 26.59 8.16
CA ALA B 79 -1.31 25.99 8.94
C ALA B 79 -0.23 25.55 7.97
N TYR B 80 1.00 25.39 8.40
CA TYR B 80 2.07 24.95 7.54
C TYR B 80 2.96 24.06 8.38
N LEU B 81 3.60 23.07 7.73
CA LEU B 81 4.59 22.14 8.31
C LEU B 81 5.83 22.35 7.45
N GLU B 82 7.05 22.42 7.95
CA GLU B 82 8.19 22.64 7.06
C GLU B 82 9.21 21.69 7.56
N ILE B 83 9.88 21.10 6.58
CA ILE B 83 10.86 20.07 6.89
C ILE B 83 12.06 20.56 6.16
N ASN B 84 13.22 20.38 6.75
CA ASN B 84 14.49 20.80 6.15
C ASN B 84 15.36 19.57 6.24
N ASN B 85 16.60 19.65 5.67
CA ASN B 85 17.60 18.59 5.72
C ASN B 85 16.88 17.29 5.43
N LEU B 86 16.03 17.39 4.38
CA LEU B 86 15.17 16.31 3.95
C LEU B 86 16.01 15.09 3.68
N LYS B 87 15.50 13.94 4.05
CA LYS B 87 16.32 12.77 3.96
C LYS B 87 15.44 11.62 3.66
N ASN B 88 15.87 10.67 2.85
CA ASN B 88 15.05 9.61 2.29
C ASN B 88 13.93 8.96 3.08
N GLU B 89 14.23 8.92 4.37
CA GLU B 89 13.32 8.38 5.34
C GLU B 89 12.11 9.26 5.48
N ASP B 90 12.04 10.50 4.94
CA ASP B 90 10.87 11.38 5.09
C ASP B 90 9.79 11.23 4.04
N THR B 91 9.92 10.16 3.32
CA THR B 91 8.99 9.84 2.28
C THR B 91 7.77 9.31 3.01
N ALA B 92 6.62 9.96 2.86
CA ALA B 92 5.43 9.49 3.52
C ALA B 92 4.31 10.38 3.09
N THR B 93 3.14 10.26 3.69
CA THR B 93 2.07 11.20 3.41
C THR B 93 1.83 11.91 4.72
N TYR B 94 1.92 13.22 4.67
CA TYR B 94 1.64 14.03 5.81
C TYR B 94 0.18 14.46 5.77
N PHE B 95 -0.58 14.15 6.80
CA PHE B 95 -1.94 14.62 6.90
C PHE B 95 -2.02 15.67 7.98
N CYS B 96 -2.87 16.69 7.85
CA CYS B 96 -3.13 17.66 8.90
C CYS B 96 -4.54 17.35 9.29
N THR B 97 -4.86 17.64 10.56
CA THR B 97 -6.16 17.30 11.04
C THR B 97 -6.69 18.08 12.23
N ARG B 98 -7.95 18.43 12.11
CA ARG B 98 -8.63 19.25 13.07
C ARG B 98 -8.71 18.59 14.42
N GLY B 99 -7.81 18.98 15.32
CA GLY B 99 -7.89 18.47 16.66
C GLY B 99 -8.92 19.14 17.53
N ASP B 100 -9.87 18.39 18.04
CA ASP B 100 -10.83 18.99 18.95
C ASP B 100 -10.38 19.15 20.45
N TYR B 101 -10.81 20.19 21.18
CA TYR B 101 -10.39 20.45 22.57
C TYR B 101 -11.18 19.80 23.67
N VAL B 102 -12.48 19.50 23.41
CA VAL B 102 -13.32 18.84 24.40
C VAL B 102 -12.91 17.38 24.50
N ASN B 103 -13.32 16.72 23.44
CA ASN B 103 -13.13 15.33 23.15
C ASN B 103 -11.87 14.73 22.57
N TRP B 104 -10.92 15.58 22.16
CA TRP B 104 -9.61 15.16 21.73
C TRP B 104 -9.51 14.16 20.61
N TYR B 105 -10.41 14.23 19.65
CA TYR B 105 -10.35 13.35 18.52
C TYR B 105 -9.94 14.13 17.29
N PHE B 106 -9.97 13.58 16.09
CA PHE B 106 -9.55 14.31 14.93
C PHE B 106 -10.68 13.99 13.99
N ASP B 107 -11.55 14.96 13.79
CA ASP B 107 -12.73 14.72 13.00
C ASP B 107 -12.78 15.09 11.56
N VAL B 108 -12.11 16.18 11.19
CA VAL B 108 -11.94 16.55 9.80
C VAL B 108 -10.48 16.23 9.54
N TRP B 109 -10.17 15.43 8.54
CA TRP B 109 -8.80 15.14 8.15
C TRP B 109 -8.60 15.76 6.78
N GLY B 110 -7.40 16.28 6.54
CA GLY B 110 -7.03 16.81 5.25
C GLY B 110 -6.75 15.68 4.29
N ALA B 111 -6.54 15.94 3.01
CA ALA B 111 -6.44 14.85 2.08
C ALA B 111 -5.07 14.24 2.12
N GLY B 112 -4.10 14.87 2.74
CA GLY B 112 -2.80 14.26 2.83
C GLY B 112 -1.89 14.72 1.74
N THR B 113 -0.60 14.87 1.99
CA THR B 113 0.28 15.43 0.96
C THR B 113 1.38 14.42 0.92
N THR B 114 1.54 13.64 -0.13
CA THR B 114 2.66 12.70 -0.23
C THR B 114 3.99 13.36 -0.50
N VAL B 115 5.02 13.17 0.29
CA VAL B 115 6.31 13.74 -0.03
C VAL B 115 7.22 12.58 -0.35
N THR B 116 7.84 12.57 -1.53
CA THR B 116 8.73 11.52 -1.98
C THR B 116 10.14 12.03 -1.91
N VAL B 117 11.15 11.45 -1.25
CA VAL B 117 12.44 12.04 -1.46
C VAL B 117 13.48 10.98 -1.79
N SER B 118 13.94 11.26 -3.01
CA SER B 118 14.85 10.41 -3.74
C SER B 118 15.97 11.17 -4.46
N SER B 119 16.98 10.51 -4.98
CA SER B 119 17.89 11.25 -5.83
C SER B 119 18.05 10.60 -7.18
N ALA B 120 17.10 9.76 -7.61
CA ALA B 120 17.13 9.33 -8.99
C ALA B 120 16.89 10.54 -9.89
N LYS B 121 17.36 10.48 -11.13
CA LYS B 121 17.01 11.51 -12.06
C LYS B 121 15.89 10.88 -12.88
N THR B 122 15.08 11.58 -13.69
CA THR B 122 14.00 10.93 -14.42
C THR B 122 14.64 9.98 -15.41
N THR B 123 13.99 8.82 -15.50
CA THR B 123 14.46 7.70 -16.27
C THR B 123 13.23 7.10 -16.90
N PRO B 124 13.23 6.93 -18.22
CA PRO B 124 12.24 6.14 -18.92
C PRO B 124 12.38 4.65 -18.68
N PRO B 125 11.35 3.81 -18.67
CA PRO B 125 11.49 2.40 -18.40
C PRO B 125 11.96 1.58 -19.62
N SER B 126 12.64 0.47 -19.36
CA SER B 126 12.84 -0.54 -20.36
C SER B 126 11.65 -1.46 -20.26
N VAL B 127 10.86 -1.85 -21.26
CA VAL B 127 9.81 -2.82 -21.03
C VAL B 127 10.08 -4.10 -21.83
N TYR B 128 10.57 -5.12 -21.16
CA TYR B 128 10.83 -6.42 -21.79
C TYR B 128 9.56 -7.21 -21.93
N PRO B 129 9.34 -8.07 -22.92
CA PRO B 129 8.18 -8.97 -22.96
C PRO B 129 8.49 -10.33 -22.33
N LEU B 130 7.47 -10.95 -21.72
CA LEU B 130 7.64 -12.24 -21.11
C LEU B 130 6.75 -13.20 -21.87
N ALA B 131 7.23 -14.17 -22.64
CA ALA B 131 6.41 -15.13 -23.39
C ALA B 131 6.72 -16.49 -22.82
N PRO B 132 5.82 -17.46 -22.73
CA PRO B 132 6.07 -18.64 -21.96
C PRO B 132 7.07 -19.51 -22.70
N GLY B 133 8.16 -19.85 -22.03
CA GLY B 133 9.24 -20.66 -22.60
C GLY B 133 8.71 -22.10 -22.74
N SER B 134 8.17 -22.44 -23.93
CA SER B 134 7.59 -23.74 -24.32
C SER B 134 6.71 -24.49 -23.29
N ALA B 135 6.46 -23.86 -22.12
CA ALA B 135 5.72 -24.49 -21.02
C ALA B 135 4.26 -24.55 -21.48
N ALA B 136 3.92 -25.74 -22.02
CA ALA B 136 2.64 -25.94 -22.73
C ALA B 136 1.49 -26.15 -21.74
N GLN B 137 0.39 -25.48 -22.06
CA GLN B 137 -0.54 -25.10 -21.03
C GLN B 137 -1.14 -26.19 -20.20
N THR B 138 -1.42 -25.75 -18.93
CA THR B 138 -2.08 -26.57 -17.89
C THR B 138 -3.48 -26.77 -18.46
N ASN B 139 -4.24 -25.66 -18.67
CA ASN B 139 -5.61 -25.91 -19.09
C ASN B 139 -6.07 -25.35 -20.40
N SER B 140 -6.14 -24.04 -20.56
CA SER B 140 -6.78 -23.50 -21.73
C SER B 140 -6.50 -22.04 -21.84
N MET B 141 -6.04 -21.40 -20.74
CA MET B 141 -5.64 -20.01 -20.76
C MET B 141 -4.13 -20.03 -20.87
N VAL B 142 -3.52 -19.01 -21.48
CA VAL B 142 -2.05 -18.90 -21.53
C VAL B 142 -1.79 -17.55 -20.84
N THR B 143 -0.66 -17.26 -20.18
CA THR B 143 -0.46 -16.06 -19.40
C THR B 143 0.88 -15.48 -19.76
N LEU B 144 0.84 -14.23 -20.23
CA LEU B 144 2.00 -13.50 -20.75
C LEU B 144 2.24 -12.35 -19.77
N GLY B 145 3.21 -11.48 -19.97
CA GLY B 145 3.38 -10.33 -19.12
C GLY B 145 4.47 -9.41 -19.64
N CYS B 146 4.51 -8.16 -19.20
CA CYS B 146 5.49 -7.18 -19.61
C CYS B 146 6.32 -6.88 -18.37
N LEU B 147 7.64 -6.74 -18.39
CA LEU B 147 8.42 -6.41 -17.23
C LEU B 147 8.81 -4.98 -17.53
N VAL B 148 8.20 -4.05 -16.81
CA VAL B 148 8.49 -2.65 -16.93
C VAL B 148 9.59 -2.34 -15.91
N LYS B 149 10.85 -2.18 -16.28
CA LYS B 149 11.85 -1.93 -15.28
C LYS B 149 12.82 -0.81 -15.58
N GLY B 150 13.20 -0.19 -14.47
CA GLY B 150 14.24 0.79 -14.40
C GLY B 150 13.74 2.19 -14.45
N TYR B 151 12.59 2.54 -13.84
CA TYR B 151 12.07 3.88 -14.03
C TYR B 151 11.92 4.79 -12.82
N PHE B 152 11.95 6.11 -13.00
CA PHE B 152 11.65 7.06 -11.95
C PHE B 152 11.14 8.34 -12.63
N PRO B 153 10.13 9.05 -12.12
CA PRO B 153 9.35 8.70 -10.94
C PRO B 153 8.13 7.91 -11.32
N GLU B 154 7.39 7.36 -10.38
CA GLU B 154 6.06 6.86 -10.66
C GLU B 154 5.23 8.00 -11.19
N PRO B 155 4.12 7.90 -11.88
CA PRO B 155 3.48 6.69 -12.33
C PRO B 155 3.90 6.09 -13.67
N VAL B 156 3.49 4.87 -13.94
CA VAL B 156 3.62 4.19 -15.20
C VAL B 156 2.27 3.55 -15.42
N THR B 157 1.63 3.81 -16.54
CA THR B 157 0.37 3.16 -16.91
C THR B 157 0.70 1.90 -17.74
N VAL B 158 0.02 0.77 -17.58
CA VAL B 158 0.20 -0.43 -18.39
C VAL B 158 -1.20 -0.87 -18.84
N THR B 159 -1.51 -0.90 -20.13
CA THR B 159 -2.74 -1.52 -20.57
C THR B 159 -2.33 -2.61 -21.56
N TRP B 160 -3.26 -3.45 -22.00
CA TRP B 160 -3.03 -4.51 -22.98
C TRP B 160 -4.02 -4.23 -24.08
N ASN B 161 -3.55 -4.22 -25.31
CA ASN B 161 -4.34 -3.95 -26.48
C ASN B 161 -5.16 -2.70 -26.32
N SER B 162 -4.56 -1.66 -25.74
CA SER B 162 -5.14 -0.35 -25.57
C SER B 162 -6.48 -0.42 -24.88
N GLY B 163 -6.46 -1.00 -23.71
CA GLY B 163 -7.67 -1.12 -22.92
C GLY B 163 -8.52 -2.33 -23.21
N SER B 164 -8.39 -3.04 -24.31
CA SER B 164 -9.33 -4.08 -24.63
C SER B 164 -9.06 -5.40 -23.99
N LEU B 165 -8.05 -5.58 -23.17
CA LEU B 165 -7.96 -6.79 -22.35
C LEU B 165 -7.80 -6.12 -20.98
N SER B 166 -8.77 -6.39 -20.12
CA SER B 166 -8.83 -5.77 -18.80
C SER B 166 -9.19 -6.88 -17.84
N SER B 167 -10.29 -7.65 -17.90
CA SER B 167 -10.45 -8.82 -17.02
C SER B 167 -9.25 -9.67 -17.35
N GLY B 168 -8.59 -10.35 -16.45
CA GLY B 168 -7.43 -11.10 -16.88
C GLY B 168 -6.13 -10.38 -16.62
N VAL B 169 -6.15 -9.04 -16.55
CA VAL B 169 -4.92 -8.26 -16.38
C VAL B 169 -4.71 -8.11 -14.89
N HIS B 170 -3.52 -8.24 -14.37
CA HIS B 170 -3.25 -7.99 -12.97
C HIS B 170 -2.06 -7.11 -13.03
N THR B 171 -2.01 -5.85 -12.63
CA THR B 171 -0.70 -5.21 -12.66
C THR B 171 -0.14 -5.20 -11.22
N PHE B 172 1.14 -5.39 -10.99
CA PHE B 172 1.64 -5.49 -9.64
C PHE B 172 2.33 -4.21 -9.16
N PRO B 173 2.18 -3.80 -7.92
CA PRO B 173 2.80 -2.59 -7.40
C PRO B 173 4.31 -2.45 -7.46
N ALA B 174 4.70 -1.28 -7.97
CA ALA B 174 6.09 -0.93 -8.21
C ALA B 174 6.96 -1.16 -7.00
N VAL B 175 8.23 -1.50 -7.17
CA VAL B 175 9.08 -1.79 -6.05
C VAL B 175 10.38 -1.09 -6.37
N LEU B 176 11.06 -0.55 -5.36
CA LEU B 176 12.40 -0.06 -5.61
C LEU B 176 13.40 -1.17 -5.90
N GLN B 177 14.48 -0.85 -6.59
CA GLN B 177 15.50 -1.83 -6.92
C GLN B 177 16.61 -0.87 -7.31
N SER B 178 17.37 -0.48 -6.29
CA SER B 178 18.38 0.56 -6.37
C SER B 178 17.97 1.89 -7.02
N ASP B 179 17.04 2.54 -6.32
CA ASP B 179 16.57 3.89 -6.57
C ASP B 179 15.51 4.01 -7.63
N LEU B 180 15.32 2.96 -8.42
CA LEU B 180 14.36 3.06 -9.49
C LEU B 180 13.26 2.01 -9.29
N TYR B 181 12.20 2.13 -10.08
CA TYR B 181 11.07 1.28 -9.89
C TYR B 181 11.06 0.16 -10.92
N THR B 182 10.42 -0.95 -10.51
CA THR B 182 10.17 -2.11 -11.35
C THR B 182 8.71 -2.53 -11.20
N LEU B 183 7.94 -2.88 -12.21
CA LEU B 183 6.52 -3.20 -12.16
C LEU B 183 6.22 -4.36 -13.12
N SER B 184 5.06 -5.02 -13.21
CA SER B 184 4.84 -6.15 -14.11
C SER B 184 3.37 -6.30 -14.22
N SER B 185 2.84 -6.40 -15.42
CA SER B 185 1.44 -6.64 -15.59
C SER B 185 1.39 -8.09 -16.03
N SER B 186 0.26 -8.79 -16.05
CA SER B 186 0.17 -10.13 -16.61
C SER B 186 -1.18 -10.19 -17.28
N VAL B 187 -1.31 -10.73 -18.51
CA VAL B 187 -2.63 -10.92 -19.09
C VAL B 187 -2.75 -12.40 -19.34
N THR B 188 -3.98 -12.79 -19.11
CA THR B 188 -4.39 -14.16 -19.17
C THR B 188 -5.52 -14.16 -20.18
N VAL B 189 -5.14 -14.71 -21.33
CA VAL B 189 -6.04 -14.84 -22.45
C VAL B 189 -6.43 -16.31 -22.61
N PRO B 190 -7.46 -16.68 -23.38
CA PRO B 190 -7.67 -18.01 -23.90
C PRO B 190 -6.50 -18.46 -24.69
N SER B 191 -6.30 -19.76 -24.86
CA SER B 191 -5.23 -20.26 -25.65
C SER B 191 -5.62 -20.30 -27.12
N SER B 192 -6.84 -20.06 -27.54
CA SER B 192 -7.12 -20.00 -28.93
C SER B 192 -6.55 -18.65 -29.34
N PRO B 193 -6.79 -17.43 -28.72
CA PRO B 193 -6.05 -16.23 -29.07
C PRO B 193 -4.56 -16.29 -29.15
N ARG B 194 -3.68 -16.46 -28.17
CA ARG B 194 -2.28 -16.33 -28.58
C ARG B 194 -1.78 -17.65 -29.16
N PRO B 195 -0.67 -17.77 -29.88
CA PRO B 195 -0.22 -16.75 -30.78
C PRO B 195 -1.09 -16.53 -32.00
N SER B 196 -2.31 -17.01 -32.07
CA SER B 196 -3.11 -16.77 -33.24
C SER B 196 -3.54 -15.30 -33.36
N GLU B 197 -3.49 -14.57 -32.26
CA GLU B 197 -4.13 -13.28 -32.20
C GLU B 197 -3.16 -12.40 -31.46
N THR B 198 -2.88 -11.20 -31.94
CA THR B 198 -1.93 -10.33 -31.33
C THR B 198 -2.35 -9.91 -29.93
N VAL B 199 -1.41 -10.06 -29.00
CA VAL B 199 -1.52 -9.49 -27.69
C VAL B 199 -0.34 -8.56 -27.51
N THR B 200 -0.55 -7.26 -27.34
CA THR B 200 0.51 -6.30 -27.15
C THR B 200 0.26 -5.50 -25.88
N CYS B 201 1.31 -4.95 -25.28
CA CYS B 201 1.27 -4.37 -23.96
C CYS B 201 1.76 -2.95 -24.05
N ASN B 202 1.05 -2.01 -23.43
CA ASN B 202 1.27 -0.59 -23.62
C ASN B 202 1.66 0.15 -22.36
N VAL B 203 2.93 0.52 -22.13
CA VAL B 203 3.34 1.30 -20.95
C VAL B 203 3.70 2.69 -21.40
N ALA B 204 3.07 3.64 -20.74
CA ALA B 204 3.25 5.06 -20.94
C ALA B 204 3.90 5.50 -19.64
N HIS B 205 5.00 6.24 -19.70
CA HIS B 205 5.55 6.81 -18.51
C HIS B 205 5.54 8.31 -18.67
N PRO B 206 4.49 9.04 -18.24
CA PRO B 206 4.32 10.48 -18.39
C PRO B 206 5.47 11.37 -17.96
N ALA B 207 6.10 11.02 -16.87
CA ALA B 207 7.20 11.82 -16.42
C ALA B 207 8.38 11.86 -17.35
N SER B 208 8.51 11.06 -18.41
CA SER B 208 9.66 11.22 -19.32
C SER B 208 9.25 11.39 -20.79
N SER B 209 7.94 11.48 -20.99
CA SER B 209 7.28 11.61 -22.29
C SER B 209 7.58 10.42 -23.20
N THR B 210 7.29 9.22 -22.70
CA THR B 210 7.60 7.99 -23.38
C THR B 210 6.41 7.05 -23.36
N LYS B 211 6.23 6.25 -24.38
CA LYS B 211 5.19 5.25 -24.42
C LYS B 211 5.80 4.17 -25.22
N VAL B 212 5.88 2.91 -24.83
CA VAL B 212 6.24 1.87 -25.80
C VAL B 212 5.16 0.81 -25.86
N ASP B 213 5.13 0.16 -26.99
CA ASP B 213 4.26 -0.95 -27.22
C ASP B 213 5.11 -2.21 -27.45
N LYS B 214 4.96 -3.36 -26.77
CA LYS B 214 5.65 -4.57 -27.13
C LYS B 214 4.58 -5.58 -27.44
N LYS B 215 4.78 -6.37 -28.48
CA LYS B 215 3.89 -7.43 -28.94
C LYS B 215 4.53 -8.68 -28.34
N ILE B 216 3.76 -9.51 -27.67
CA ILE B 216 4.36 -10.70 -27.10
C ILE B 216 4.32 -11.68 -28.28
N VAL B 217 5.47 -12.22 -28.68
CA VAL B 217 5.53 -13.14 -29.82
C VAL B 217 6.30 -14.33 -29.28
N PRO B 218 5.98 -15.56 -29.65
CA PRO B 218 6.59 -16.71 -29.03
C PRO B 218 8.09 -16.96 -29.04
N ARG B 219 8.34 -17.10 -27.78
CA ARG B 219 9.27 -18.01 -27.14
C ARG B 219 8.09 -18.31 -26.13
#